data_7KDZ
#
_entry.id   7KDZ
#
_cell.length_a   42.670
_cell.length_b   42.670
_cell.length_c   126.820
_cell.angle_alpha   90.000
_cell.angle_beta   90.000
_cell.angle_gamma   90.000
#
_symmetry.space_group_name_H-M   'P 43 21 2'
#
loop_
_entity.id
_entity.type
_entity.pdbx_description
1 polymer 'Nucleosome-remodeling factor subunit BPTF'
2 non-polymer 1,2-ETHANEDIOL
3 non-polymer 6-{4-[3-(dimethylamino)propoxy]phenyl}-2-(methylsulfonyl)-N-[3-(1H-pyrazol-1-yl)propyl]pyrimidin-4-amine
4 water water
#
_entity_poly.entity_id   1
_entity_poly.type   'polypeptide(L)'
_entity_poly.pdbx_seq_one_letter_code
;SMSTEDAMTVLTPLTEKDYEGLKRVLRSLQAHKMAWPFLEPVDPNDAPDYYGVIKEPMDLATMEERVQRRYYEKLTEFVA
DMTKIFDNCRYYNPSDSPFYQCAEVLESFFVQKLKGFKASRSH
;
_entity_poly.pdbx_strand_id   A
#
# COMPACT_ATOMS: atom_id res chain seq x y z
N PRO A 13 -5.06 -20.64 7.74
CA PRO A 13 -5.16 -19.21 7.48
C PRO A 13 -4.08 -18.39 8.20
N LEU A 14 -4.37 -17.13 8.45
CA LEU A 14 -3.42 -16.24 9.12
C LEU A 14 -3.52 -16.42 10.64
N THR A 15 -2.38 -16.61 11.28
CA THR A 15 -2.29 -16.73 12.73
C THR A 15 -2.00 -15.36 13.35
N GLU A 16 -1.99 -15.30 14.69
CA GLU A 16 -1.58 -14.06 15.35
C GLU A 16 -0.11 -13.77 15.09
N LYS A 17 0.72 -14.82 15.04
CA LYS A 17 2.11 -14.63 14.66
C LYS A 17 2.23 -14.06 13.25
N ASP A 18 1.40 -14.57 12.33
CA ASP A 18 1.38 -14.00 10.98
C ASP A 18 1.02 -12.53 11.02
N TYR A 19 0.02 -12.17 11.84
CA TYR A 19 -0.39 -10.77 11.89
C TYR A 19 0.69 -9.88 12.47
N GLU A 20 1.50 -10.40 13.40
CA GLU A 20 2.67 -9.64 13.86
C GLU A 20 3.58 -9.31 12.70
N GLY A 21 3.79 -10.28 11.80
CA GLY A 21 4.61 -10.03 10.62
C GLY A 21 3.98 -9.03 9.67
N LEU A 22 2.66 -9.11 9.46
CA LEU A 22 1.98 -8.14 8.61
C LEU A 22 2.16 -6.73 9.16
N LYS A 23 2.02 -6.56 10.47
CA LYS A 23 2.17 -5.24 11.05
C LYS A 23 3.60 -4.73 10.87
N ARG A 24 4.59 -5.60 11.03
CA ARG A 24 5.98 -5.18 10.86
C ARG A 24 6.24 -4.75 9.42
N VAL A 25 5.70 -5.49 8.45
CA VAL A 25 5.87 -5.10 7.05
C VAL A 25 5.22 -3.74 6.80
N LEU A 26 3.98 -3.59 7.26
CA LEU A 26 3.27 -2.33 7.08
C LEU A 26 4.03 -1.16 7.70
N ARG A 27 4.54 -1.35 8.92
CA ARG A 27 5.29 -0.29 9.58
C ARG A 27 6.56 0.07 8.81
N SER A 28 7.22 -0.94 8.23
CA SER A 28 8.44 -0.66 7.48
C SER A 28 8.15 0.15 6.22
N LEU A 29 6.99 -0.06 5.60
CA LEU A 29 6.62 0.76 4.45
C LEU A 29 6.21 2.16 4.90
N GLN A 30 5.44 2.26 5.98
CA GLN A 30 5.00 3.57 6.47
C GLN A 30 6.18 4.46 6.84
N ALA A 31 7.30 3.87 7.29
CA ALA A 31 8.47 4.64 7.69
C ALA A 31 9.38 4.98 6.51
N HIS A 32 9.12 4.42 5.35
CA HIS A 32 9.99 4.61 4.19
C HIS A 32 9.80 6.02 3.63
N LYS A 33 10.92 6.66 3.26
CA LYS A 33 10.84 8.04 2.81
C LYS A 33 9.94 8.21 1.59
N MET A 34 9.82 7.18 0.76
CA MET A 34 9.02 7.32 -0.46
C MET A 34 7.58 6.86 -0.29
N ALA A 35 7.15 6.56 0.94
CA ALA A 35 5.77 6.17 1.17
C ALA A 35 4.84 7.35 1.40
N TRP A 36 5.35 8.57 1.43
CA TRP A 36 4.52 9.70 1.84
C TRP A 36 3.26 9.92 0.99
N PRO A 37 3.22 9.65 -0.32
CA PRO A 37 1.95 9.83 -1.05
C PRO A 37 0.89 8.79 -0.70
N PHE A 38 1.27 7.71 0.00
CA PHE A 38 0.40 6.56 0.20
C PHE A 38 -0.06 6.40 1.64
N LEU A 39 0.34 7.30 2.54
CA LEU A 39 0.08 7.10 3.98
C LEU A 39 -1.40 7.20 4.31
N GLU A 40 -2.14 8.04 3.60
CA GLU A 40 -3.54 8.33 3.89
C GLU A 40 -4.35 8.30 2.61
N PRO A 41 -5.68 8.16 2.72
CA PRO A 41 -6.51 8.24 1.51
C PRO A 41 -6.26 9.54 0.79
N VAL A 42 -6.28 9.49 -0.54
CA VAL A 42 -5.99 10.66 -1.35
C VAL A 42 -7.01 11.77 -1.08
N ASP A 43 -6.52 12.96 -0.75
CA ASP A 43 -7.35 14.15 -0.70
C ASP A 43 -7.59 14.65 -2.12
N PRO A 44 -8.84 14.78 -2.57
CA PRO A 44 -9.08 15.23 -3.95
C PRO A 44 -8.43 16.56 -4.29
N ASN A 45 -8.15 17.41 -3.30
CA ASN A 45 -7.46 18.66 -3.57
C ASN A 45 -5.99 18.45 -3.93
N ASP A 46 -5.45 17.28 -3.60
CA ASP A 46 -4.07 16.93 -3.94
C ASP A 46 -3.95 16.22 -5.27
N ALA A 47 -5.06 15.74 -5.85
CA ALA A 47 -5.01 14.93 -7.06
C ALA A 47 -6.28 15.18 -7.84
N PRO A 48 -6.23 16.08 -8.82
CA PRO A 48 -7.43 16.44 -9.56
C PRO A 48 -8.05 15.23 -10.24
N ASP A 49 -9.37 15.10 -10.07
CA ASP A 49 -10.17 14.03 -10.66
C ASP A 49 -9.73 12.64 -10.23
N TYR A 50 -8.99 12.53 -9.10
CA TYR A 50 -8.47 11.24 -8.69
C TYR A 50 -9.56 10.18 -8.63
N TYR A 51 -10.66 10.50 -7.96
CA TYR A 51 -11.73 9.53 -7.77
C TYR A 51 -12.63 9.39 -8.99
N GLY A 52 -12.40 10.19 -10.03
CA GLY A 52 -12.99 9.90 -11.33
C GLY A 52 -12.15 9.00 -12.19
N VAL A 53 -10.89 8.79 -11.80
CA VAL A 53 -9.96 7.94 -12.52
C VAL A 53 -9.77 6.60 -11.85
N ILE A 54 -9.67 6.60 -10.52
CA ILE A 54 -9.34 5.42 -9.74
C ILE A 54 -10.62 4.89 -9.10
N LYS A 55 -11.04 3.70 -9.51
CA LYS A 55 -12.31 3.15 -9.05
C LYS A 55 -12.19 2.38 -7.73
N GLU A 56 -11.00 1.91 -7.36
CA GLU A 56 -10.81 1.16 -6.12
C GLU A 56 -9.61 1.70 -5.36
N PRO A 57 -9.79 2.81 -4.65
CA PRO A 57 -8.68 3.39 -3.90
C PRO A 57 -8.24 2.51 -2.74
N MET A 58 -6.97 2.69 -2.37
CA MET A 58 -6.38 2.01 -1.23
C MET A 58 -5.20 2.84 -0.74
N ASP A 59 -4.91 2.73 0.55
CA ASP A 59 -3.83 3.50 1.16
C ASP A 59 -3.36 2.75 2.39
N LEU A 60 -2.23 3.19 2.94
CA LEU A 60 -1.60 2.45 4.04
C LEU A 60 -2.38 2.59 5.35
N ALA A 61 -3.06 3.72 5.56
CA ALA A 61 -3.85 3.87 6.78
C ALA A 61 -5.07 2.96 6.74
N THR A 62 -5.67 2.78 5.57
CA THR A 62 -6.76 1.83 5.44
C THR A 62 -6.26 0.40 5.69
N MET A 63 -5.07 0.09 5.17
CA MET A 63 -4.49 -1.23 5.45
C MET A 63 -4.18 -1.41 6.92
N GLU A 64 -3.75 -0.34 7.59
CA GLU A 64 -3.49 -0.46 9.02
C GLU A 64 -4.77 -0.76 9.80
N GLU A 65 -5.86 -0.11 9.42
CA GLU A 65 -7.14 -0.40 10.07
CA GLU A 65 -7.14 -0.40 10.06
C GLU A 65 -7.54 -1.86 9.84
N ARG A 66 -7.34 -2.37 8.62
CA ARG A 66 -7.68 -3.75 8.31
C ARG A 66 -6.82 -4.74 9.07
N VAL A 67 -5.52 -4.43 9.23
CA VAL A 67 -4.66 -5.30 10.04
C VAL A 67 -5.12 -5.31 11.49
N GLN A 68 -5.44 -4.14 12.04
CA GLN A 68 -5.82 -4.08 13.44
C GLN A 68 -7.17 -4.77 13.69
N ARG A 69 -8.06 -4.77 12.71
CA ARG A 69 -9.37 -5.42 12.85
C ARG A 69 -9.36 -6.88 12.41
N ARG A 70 -8.19 -7.41 12.04
CA ARG A 70 -8.05 -8.80 11.61
C ARG A 70 -8.94 -9.09 10.40
N TYR A 71 -8.99 -8.12 9.47
CA TYR A 71 -9.83 -8.21 8.28
C TYR A 71 -9.34 -9.29 7.32
N TYR A 72 -8.03 -9.51 7.23
CA TYR A 72 -7.49 -10.44 6.24
C TYR A 72 -7.57 -11.87 6.73
N GLU A 73 -8.03 -12.76 5.85
CA GLU A 73 -8.02 -14.20 6.10
C GLU A 73 -6.78 -14.89 5.54
N LYS A 74 -6.22 -14.33 4.46
CA LYS A 74 -5.12 -14.95 3.74
C LYS A 74 -4.07 -13.89 3.44
N LEU A 75 -2.81 -14.32 3.37
CA LEU A 75 -1.74 -13.41 2.99
C LEU A 75 -1.99 -12.79 1.61
N THR A 76 -2.56 -13.56 0.68
CA THR A 76 -2.82 -13.03 -0.66
C THR A 76 -3.72 -11.78 -0.61
N GLU A 77 -4.64 -11.72 0.35
CA GLU A 77 -5.53 -10.56 0.44
C GLU A 77 -4.76 -9.32 0.90
N PHE A 78 -3.86 -9.48 1.87
CA PHE A 78 -3.00 -8.37 2.27
C PHE A 78 -2.15 -7.89 1.10
N VAL A 79 -1.54 -8.83 0.37
CA VAL A 79 -0.68 -8.45 -0.75
C VAL A 79 -1.49 -7.79 -1.85
N ALA A 80 -2.75 -8.21 -2.04
CA ALA A 80 -3.57 -7.59 -3.08
C ALA A 80 -3.88 -6.13 -2.77
N ASP A 81 -4.17 -5.82 -1.50
CA ASP A 81 -4.40 -4.44 -1.11
C ASP A 81 -3.15 -3.59 -1.35
N MET A 82 -1.99 -4.09 -0.93
CA MET A 82 -0.75 -3.34 -1.13
C MET A 82 -0.50 -3.10 -2.61
N THR A 83 -0.70 -4.12 -3.44
CA THR A 83 -0.46 -4.00 -4.87
C THR A 83 -1.42 -2.99 -5.50
N LYS A 84 -2.63 -2.89 -4.97
CA LYS A 84 -3.59 -1.90 -5.46
C LYS A 84 -3.06 -0.48 -5.28
N ILE A 85 -2.42 -0.20 -4.14
CA ILE A 85 -1.82 1.12 -3.92
C ILE A 85 -0.87 1.46 -5.05
N PHE A 86 0.03 0.52 -5.36
CA PHE A 86 1.05 0.82 -6.38
C PHE A 86 0.44 0.86 -7.78
N ASP A 87 -0.49 -0.05 -8.08
CA ASP A 87 -1.11 -0.06 -9.40
C ASP A 87 -1.95 1.20 -9.63
N ASN A 88 -2.66 1.66 -8.60
CA ASN A 88 -3.46 2.88 -8.73
C ASN A 88 -2.55 4.06 -9.04
N CYS A 89 -1.42 4.15 -8.34
CA CYS A 89 -0.50 5.26 -8.51
C CYS A 89 0.05 5.29 -9.93
N ARG A 90 0.48 4.13 -10.44
CA ARG A 90 1.06 4.05 -11.77
C ARG A 90 0.00 4.22 -12.87
N TYR A 91 -1.27 3.95 -12.56
CA TYR A 91 -2.33 4.22 -13.52
C TYR A 91 -2.65 5.70 -13.58
N TYR A 92 -2.71 6.36 -12.42
CA TYR A 92 -3.12 7.77 -12.36
C TYR A 92 -2.02 8.70 -12.88
N ASN A 93 -0.75 8.36 -12.61
CA ASN A 93 0.39 9.24 -12.89
C ASN A 93 1.18 8.77 -14.09
N PRO A 94 1.76 9.72 -14.83
CA PRO A 94 2.67 9.34 -15.92
C PRO A 94 3.96 8.76 -15.37
N SER A 95 4.66 8.02 -16.23
CA SER A 95 5.81 7.26 -15.76
C SER A 95 7.00 8.15 -15.42
N ASP A 96 7.03 9.41 -15.87
CA ASP A 96 8.09 10.31 -15.44
C ASP A 96 7.71 11.16 -14.24
N SER A 97 6.58 10.85 -13.60
CA SER A 97 6.19 11.54 -12.37
C SER A 97 6.99 11.04 -11.18
N PRO A 98 7.40 11.94 -10.27
CA PRO A 98 7.97 11.46 -9.01
C PRO A 98 7.04 10.54 -8.24
N PHE A 99 5.72 10.72 -8.36
CA PHE A 99 4.80 9.83 -7.65
C PHE A 99 4.86 8.42 -8.19
N TYR A 100 4.91 8.28 -9.52
CA TYR A 100 5.07 6.98 -10.15
C TYR A 100 6.35 6.32 -9.66
N GLN A 101 7.44 7.08 -9.58
CA GLN A 101 8.69 6.48 -9.14
C GLN A 101 8.64 6.08 -7.67
N CYS A 102 7.87 6.78 -6.83
CA CYS A 102 7.66 6.34 -5.46
C CYS A 102 7.07 4.94 -5.44
N ALA A 103 6.09 4.66 -6.30
CA ALA A 103 5.50 3.33 -6.35
C ALA A 103 6.51 2.29 -6.80
N GLU A 104 7.33 2.61 -7.80
CA GLU A 104 8.34 1.66 -8.26
C GLU A 104 9.31 1.30 -7.13
N VAL A 105 9.81 2.30 -6.43
CA VAL A 105 10.78 2.06 -5.36
C VAL A 105 10.13 1.29 -4.23
N LEU A 106 8.95 1.74 -3.80
CA LEU A 106 8.33 1.13 -2.63
C LEU A 106 7.84 -0.28 -2.93
N GLU A 107 7.37 -0.56 -4.16
CA GLU A 107 6.96 -1.94 -4.45
C GLU A 107 8.15 -2.88 -4.44
N SER A 108 9.29 -2.45 -4.97
CA SER A 108 10.49 -3.28 -4.90
CA SER A 108 10.50 -3.27 -4.90
C SER A 108 10.86 -3.57 -3.46
N PHE A 109 10.79 -2.57 -2.60
CA PHE A 109 11.07 -2.76 -1.17
C PHE A 109 10.08 -3.73 -0.55
N PHE A 110 8.79 -3.55 -0.86
CA PHE A 110 7.74 -4.42 -0.32
C PHE A 110 7.95 -5.87 -0.75
N VAL A 111 8.23 -6.10 -2.03
CA VAL A 111 8.39 -7.47 -2.53
C VAL A 111 9.57 -8.14 -1.86
N GLN A 112 10.65 -7.38 -1.61
CA GLN A 112 11.80 -7.96 -0.90
C GLN A 112 11.43 -8.28 0.54
N LYS A 113 10.65 -7.42 1.21
CA LYS A 113 10.23 -7.71 2.57
C LYS A 113 9.36 -8.95 2.64
N LEU A 114 8.50 -9.16 1.63
CA LEU A 114 7.63 -10.33 1.60
C LEU A 114 8.41 -11.63 1.57
N LYS A 115 9.58 -11.63 0.91
CA LYS A 115 10.41 -12.83 0.86
C LYS A 115 10.86 -13.27 2.24
N GLY A 116 10.87 -12.36 3.22
CA GLY A 116 11.24 -12.71 4.58
C GLY A 116 10.27 -13.64 5.27
N PHE A 117 9.07 -13.81 4.73
CA PHE A 117 8.09 -14.71 5.33
C PHE A 117 8.53 -16.17 5.20
#